data_7LV2
# 
_entry.id   7LV2 
# 
_audit_conform.dict_name       mmcif_pdbx.dic 
_audit_conform.dict_version    5.389 
_audit_conform.dict_location   http://mmcif.pdb.org/dictionaries/ascii/mmcif_pdbx.dic 
# 
loop_
_database_2.database_id 
_database_2.database_code 
_database_2.pdbx_database_accession 
_database_2.pdbx_DOI 
PDB   7LV2         pdb_00007lv2 10.2210/pdb7lv2/pdb 
WWPDB D_1000255060 ?            ?                   
# 
loop_
_pdbx_audit_revision_history.ordinal 
_pdbx_audit_revision_history.data_content_type 
_pdbx_audit_revision_history.major_revision 
_pdbx_audit_revision_history.minor_revision 
_pdbx_audit_revision_history.revision_date 
1 'Structure model' 1 0 2021-03-17 
2 'Structure model' 1 1 2021-03-24 
3 'Structure model' 1 2 2024-03-06 
4 'Structure model' 1 3 2024-04-03 
# 
_pdbx_audit_revision_details.ordinal             1 
_pdbx_audit_revision_details.revision_ordinal    1 
_pdbx_audit_revision_details.data_content_type   'Structure model' 
_pdbx_audit_revision_details.provider            repository 
_pdbx_audit_revision_details.type                'Initial release' 
_pdbx_audit_revision_details.description         ? 
_pdbx_audit_revision_details.details             ? 
# 
loop_
_pdbx_audit_revision_group.ordinal 
_pdbx_audit_revision_group.revision_ordinal 
_pdbx_audit_revision_group.data_content_type 
_pdbx_audit_revision_group.group 
1 2 'Structure model' 'Database references'    
2 3 'Structure model' 'Data collection'        
3 3 'Structure model' 'Database references'    
4 4 'Structure model' 'Refinement description' 
# 
loop_
_pdbx_audit_revision_category.ordinal 
_pdbx_audit_revision_category.revision_ordinal 
_pdbx_audit_revision_category.data_content_type 
_pdbx_audit_revision_category.category 
1 2 'Structure model' citation                      
2 3 'Structure model' chem_comp_atom                
3 3 'Structure model' chem_comp_bond                
4 3 'Structure model' citation                      
5 3 'Structure model' database_2                    
6 4 'Structure model' pdbx_initial_refinement_model 
# 
loop_
_pdbx_audit_revision_item.ordinal 
_pdbx_audit_revision_item.revision_ordinal 
_pdbx_audit_revision_item.data_content_type 
_pdbx_audit_revision_item.item 
1 2 'Structure model' '_citation.pdbx_database_id_PubMed'   
2 2 'Structure model' '_citation.title'                     
3 3 'Structure model' '_citation.journal_id_ISSN'           
4 3 'Structure model' '_database_2.pdbx_DOI'                
5 3 'Structure model' '_database_2.pdbx_database_accession' 
# 
_pdbx_database_status.status_code                     REL 
_pdbx_database_status.status_code_sf                  REL 
_pdbx_database_status.status_code_mr                  ? 
_pdbx_database_status.entry_id                        7LV2 
_pdbx_database_status.recvd_initial_deposition_date   2021-02-23 
_pdbx_database_status.SG_entry                        N 
_pdbx_database_status.deposit_site                    RCSB 
_pdbx_database_status.process_site                    RCSB 
_pdbx_database_status.status_code_cs                  ? 
_pdbx_database_status.status_code_nmr_data            ? 
_pdbx_database_status.methods_development_category    ? 
_pdbx_database_status.pdb_format_compatible           Y 
# 
loop_
_audit_author.name 
_audit_author.pdbx_ordinal 
_audit_author.identifier_ORCID 
'Hou, K.'         1 0000-0003-3869-2076 
'Sawaya, M.R.'    2 0000-0003-0874-9043 
'Eisenberg, D.S.' 3 0000-0003-2432-5419 
'Cascio, D.'      4 0000-0002-3877-6803 
# 
_citation.abstract                  ? 
_citation.abstract_id_CAS           ? 
_citation.book_id_ISBN              ? 
_citation.book_publisher            ? 
_citation.book_publisher_city       ? 
_citation.book_title                ? 
_citation.coordinate_linkage        ? 
_citation.country                   US 
_citation.database_id_Medline       ? 
_citation.details                   ? 
_citation.id                        primary 
_citation.journal_abbrev            Biorxiv 
_citation.journal_id_ASTM           ? 
_citation.journal_id_CSD            ? 
_citation.journal_id_ISSN           2692-8205 
_citation.journal_full              ? 
_citation.journal_issue             ? 
_citation.journal_volume            ? 
_citation.language                  ? 
_citation.page_first                ? 
_citation.page_last                 ? 
_citation.title                     'Inhibition of amyloid formation of the Nucleoprotein of SARS-CoV-2.' 
_citation.year                      2021 
_citation.database_id_CSD           ? 
_citation.pdbx_database_id_DOI      10.1101/2021.03.05.434000 
_citation.pdbx_database_id_PubMed   33688654 
_citation.pdbx_database_id_patent   ? 
_citation.unpublished_flag          ? 
# 
loop_
_citation_author.citation_id 
_citation_author.name 
_citation_author.ordinal 
_citation_author.identifier_ORCID 
primary 'Tayeb-Fligelman, E.' 1  ? 
primary 'Cheng, X.'           2  ? 
primary 'Tai, C.'             3  ? 
primary 'Bowler, J.T.'        4  ? 
primary 'Griner, S.'          5  ? 
primary 'Sawaya, M.R.'        6  ? 
primary 'Seidler, P.M.'       7  ? 
primary 'Jiang, Y.X.'         8  ? 
primary 'Lu, J.'              9  ? 
primary 'Rosenberg, G.M.'     10 ? 
primary 'Salwinski, L.'       11 ? 
primary 'Abskharon, R.'       12 ? 
primary 'Zee, C.T.'           13 ? 
primary 'Hou, K.'             14 ? 
primary 'Li, Y.'              15 ? 
primary 'Boyer, D.R.'         16 ? 
primary 'Murray, K.A.'        17 ? 
primary 'Falcon, G.'          18 ? 
primary 'Anderson, D.H.'      19 ? 
primary 'Cascio, D.'          20 ? 
primary 'Saelices, L.'        21 ? 
primary 'Damoiseaux, R.'      22 ? 
primary 'Guo, F.'             23 ? 
primary 'Eisenberg, D.S.'     24 ? 
# 
loop_
_entity.id 
_entity.type 
_entity.src_method 
_entity.pdbx_description 
_entity.formula_weight 
_entity.pdbx_number_of_molecules 
_entity.pdbx_ec 
_entity.pdbx_mutation 
_entity.pdbx_fragment 
_entity.details 
1 polymer syn 'Nucleoprotein GSQASS' 535.507 1 ? ? ? ? 
2 water   nat water                  18.015  3 ? ? ? ? 
# 
_entity_name_com.entity_id   1 
_entity_name_com.name        'N,Nucleocapsid protein,NC,Protein N' 
# 
_entity_poly.entity_id                      1 
_entity_poly.type                           'polypeptide(L)' 
_entity_poly.nstd_linkage                   no 
_entity_poly.nstd_monomer                   no 
_entity_poly.pdbx_seq_one_letter_code       GSQASS 
_entity_poly.pdbx_seq_one_letter_code_can   GSQASS 
_entity_poly.pdbx_strand_id                 A 
_entity_poly.pdbx_target_identifier         ? 
# 
_pdbx_entity_nonpoly.entity_id   2 
_pdbx_entity_nonpoly.name        water 
_pdbx_entity_nonpoly.comp_id     HOH 
# 
loop_
_entity_poly_seq.entity_id 
_entity_poly_seq.num 
_entity_poly_seq.mon_id 
_entity_poly_seq.hetero 
1 1 GLY n 
1 2 SER n 
1 3 GLN n 
1 4 ALA n 
1 5 SER n 
1 6 SER n 
# 
_pdbx_entity_src_syn.entity_id              1 
_pdbx_entity_src_syn.pdbx_src_id            1 
_pdbx_entity_src_syn.pdbx_alt_source_flag   sample 
_pdbx_entity_src_syn.pdbx_beg_seq_num       1 
_pdbx_entity_src_syn.pdbx_end_seq_num       6 
_pdbx_entity_src_syn.organism_scientific    'Severe acute respiratory syndrome coronavirus 2' 
_pdbx_entity_src_syn.organism_common_name   '2019-nCoV, SARS-CoV-2' 
_pdbx_entity_src_syn.ncbi_taxonomy_id       2697049 
_pdbx_entity_src_syn.details                ? 
# 
loop_
_chem_comp.id 
_chem_comp.type 
_chem_comp.mon_nstd_flag 
_chem_comp.name 
_chem_comp.pdbx_synonyms 
_chem_comp.formula 
_chem_comp.formula_weight 
ALA 'L-peptide linking' y ALANINE   ? 'C3 H7 N O2'   89.093  
GLN 'L-peptide linking' y GLUTAMINE ? 'C5 H10 N2 O3' 146.144 
GLY 'peptide linking'   y GLYCINE   ? 'C2 H5 N O2'   75.067  
HOH non-polymer         . WATER     ? 'H2 O'         18.015  
SER 'L-peptide linking' y SERINE    ? 'C3 H7 N O3'   105.093 
# 
loop_
_pdbx_poly_seq_scheme.asym_id 
_pdbx_poly_seq_scheme.entity_id 
_pdbx_poly_seq_scheme.seq_id 
_pdbx_poly_seq_scheme.mon_id 
_pdbx_poly_seq_scheme.ndb_seq_num 
_pdbx_poly_seq_scheme.pdb_seq_num 
_pdbx_poly_seq_scheme.auth_seq_num 
_pdbx_poly_seq_scheme.pdb_mon_id 
_pdbx_poly_seq_scheme.auth_mon_id 
_pdbx_poly_seq_scheme.pdb_strand_id 
_pdbx_poly_seq_scheme.pdb_ins_code 
_pdbx_poly_seq_scheme.hetero 
A 1 1 GLY 1 179 179 GLY GLY A . n 
A 1 2 SER 2 180 180 SER SER A . n 
A 1 3 GLN 3 181 181 GLN GLN A . n 
A 1 4 ALA 4 182 182 ALA ALA A . n 
A 1 5 SER 5 183 183 SER SER A . n 
A 1 6 SER 6 184 184 SER SER A . n 
# 
loop_
_pdbx_nonpoly_scheme.asym_id 
_pdbx_nonpoly_scheme.entity_id 
_pdbx_nonpoly_scheme.mon_id 
_pdbx_nonpoly_scheme.ndb_seq_num 
_pdbx_nonpoly_scheme.pdb_seq_num 
_pdbx_nonpoly_scheme.auth_seq_num 
_pdbx_nonpoly_scheme.pdb_mon_id 
_pdbx_nonpoly_scheme.auth_mon_id 
_pdbx_nonpoly_scheme.pdb_strand_id 
_pdbx_nonpoly_scheme.pdb_ins_code 
B 2 HOH 1 201 193 HOH HOH A . 
B 2 HOH 2 202 192 HOH HOH A . 
B 2 HOH 3 203 191 HOH HOH A . 
# 
loop_
_software.citation_id 
_software.classification 
_software.compiler_name 
_software.compiler_version 
_software.contact_author 
_software.contact_author_email 
_software.date 
_software.description 
_software.dependencies 
_software.hardware 
_software.language 
_software.location 
_software.mods 
_software.name 
_software.os 
_software.os_version 
_software.type 
_software.version 
_software.pdbx_ordinal 
? 'data reduction'  ? ? ? ? ? ? ? ? ? ? ? XDS         ? ? ? 'Jan 31, 2020' 1 
? 'data scaling'    ? ? ? ? ? ? ? ? ? ? ? XSCALE      ? ? ? 'Jan 31, 2020' 2 
? phasing           ? ? ? ? ? ? ? ? ? ? ? PHASER      ? ? ? 2.8.3          3 
? refinement        ? ? ? ? ? ? ? ? ? ? ? REFMAC      ? ? ? 5.8.0267       4 
? 'data extraction' ? ? ? ? ? ? ? ? ? ? ? PDB_EXTRACT ? ? ? 3.27           5 
# 
_cell.angle_alpha                  90.000 
_cell.angle_alpha_esd              ? 
_cell.angle_beta                   90.000 
_cell.angle_beta_esd               ? 
_cell.angle_gamma                  90.000 
_cell.angle_gamma_esd              ? 
_cell.entry_id                     7LV2 
_cell.details                      ? 
_cell.formula_units_Z              ? 
_cell.length_a                     4.770 
_cell.length_a_esd                 ? 
_cell.length_b                     13.600 
_cell.length_b_esd                 ? 
_cell.length_c                     42.440 
_cell.length_c_esd                 ? 
_cell.volume                       ? 
_cell.volume_esd                   ? 
_cell.Z_PDB                        4 
_cell.reciprocal_angle_alpha       ? 
_cell.reciprocal_angle_beta        ? 
_cell.reciprocal_angle_gamma       ? 
_cell.reciprocal_angle_alpha_esd   ? 
_cell.reciprocal_angle_beta_esd    ? 
_cell.reciprocal_angle_gamma_esd   ? 
_cell.reciprocal_length_a          ? 
_cell.reciprocal_length_b          ? 
_cell.reciprocal_length_c          ? 
_cell.reciprocal_length_a_esd      ? 
_cell.reciprocal_length_b_esd      ? 
_cell.reciprocal_length_c_esd      ? 
_cell.pdbx_unique_axis             ? 
# 
_symmetry.entry_id                         7LV2 
_symmetry.cell_setting                     ? 
_symmetry.Int_Tables_number                19 
_symmetry.space_group_name_Hall            ? 
_symmetry.space_group_name_H-M             'P 21 21 21' 
_symmetry.pdbx_full_space_group_name_H-M   ? 
# 
_exptl.absorpt_coefficient_mu     ? 
_exptl.absorpt_correction_T_max   ? 
_exptl.absorpt_correction_T_min   ? 
_exptl.absorpt_correction_type    ? 
_exptl.absorpt_process_details    ? 
_exptl.entry_id                   7LV2 
_exptl.crystals_number            1 
_exptl.details                    ? 
_exptl.method                     'X-RAY DIFFRACTION' 
_exptl.method_details             ? 
# 
_exptl_crystal.colour                      ? 
_exptl_crystal.density_diffrn              ? 
_exptl_crystal.density_Matthews            1.29 
_exptl_crystal.density_method              ? 
_exptl_crystal.density_percent_sol         4.3 
_exptl_crystal.description                 Needle 
_exptl_crystal.F_000                       ? 
_exptl_crystal.id                          1 
_exptl_crystal.preparation                 ? 
_exptl_crystal.size_max                    ? 
_exptl_crystal.size_mid                    ? 
_exptl_crystal.size_min                    ? 
_exptl_crystal.size_rad                    ? 
_exptl_crystal.colour_lustre               ? 
_exptl_crystal.colour_modifier             ? 
_exptl_crystal.colour_primary              ? 
_exptl_crystal.density_meas                ? 
_exptl_crystal.density_meas_esd            ? 
_exptl_crystal.density_meas_gt             ? 
_exptl_crystal.density_meas_lt             ? 
_exptl_crystal.density_meas_temp           ? 
_exptl_crystal.density_meas_temp_esd       ? 
_exptl_crystal.density_meas_temp_gt        ? 
_exptl_crystal.density_meas_temp_lt        ? 
_exptl_crystal.pdbx_crystal_image_url      ? 
_exptl_crystal.pdbx_crystal_image_format   ? 
_exptl_crystal.pdbx_mosaicity              ? 
_exptl_crystal.pdbx_mosaicity_esd          ? 
# 
_exptl_crystal_grow.apparatus       ? 
_exptl_crystal_grow.atmosphere      ? 
_exptl_crystal_grow.crystal_id      1 
_exptl_crystal_grow.details         ? 
_exptl_crystal_grow.method          'VAPOR DIFFUSION, HANGING DROP' 
_exptl_crystal_grow.method_ref      ? 
_exptl_crystal_grow.pH              7.0 
_exptl_crystal_grow.pressure        ? 
_exptl_crystal_grow.pressure_esd    ? 
_exptl_crystal_grow.seeding         ? 
_exptl_crystal_grow.seeding_ref     ? 
_exptl_crystal_grow.temp            298 
_exptl_crystal_grow.temp_details    ? 
_exptl_crystal_grow.temp_esd        ? 
_exptl_crystal_grow.time            ? 
_exptl_crystal_grow.pdbx_details    'sodium potassium tartrate, lithium sulfate, TRIS, pH 7.0' 
_exptl_crystal_grow.pdbx_pH_range   ? 
# 
_diffrn.ambient_environment              ? 
_diffrn.ambient_temp                     100 
_diffrn.ambient_temp_details             ? 
_diffrn.ambient_temp_esd                 ? 
_diffrn.crystal_id                       1 
_diffrn.crystal_support                  ? 
_diffrn.crystal_treatment                ? 
_diffrn.details                          ? 
_diffrn.id                               1 
_diffrn.ambient_pressure                 ? 
_diffrn.ambient_pressure_esd             ? 
_diffrn.ambient_pressure_gt              ? 
_diffrn.ambient_pressure_lt              ? 
_diffrn.ambient_temp_gt                  ? 
_diffrn.ambient_temp_lt                  ? 
_diffrn.pdbx_serial_crystal_experiment   N 
# 
_diffrn_detector.details                      ? 
_diffrn_detector.detector                     PIXEL 
_diffrn_detector.diffrn_id                    1 
_diffrn_detector.type                         'DECTRIS EIGER X 16M' 
_diffrn_detector.area_resol_mean              ? 
_diffrn_detector.dtime                        ? 
_diffrn_detector.pdbx_frames_total            ? 
_diffrn_detector.pdbx_collection_time_total   ? 
_diffrn_detector.pdbx_collection_date         2020-06-20 
_diffrn_detector.pdbx_frequency               ? 
# 
_diffrn_radiation.collimation                      ? 
_diffrn_radiation.diffrn_id                        1 
_diffrn_radiation.filter_edge                      ? 
_diffrn_radiation.inhomogeneity                    ? 
_diffrn_radiation.monochromator                    'Si (111)' 
_diffrn_radiation.polarisn_norm                    ? 
_diffrn_radiation.polarisn_ratio                   ? 
_diffrn_radiation.probe                            ? 
_diffrn_radiation.type                             ? 
_diffrn_radiation.xray_symbol                      ? 
_diffrn_radiation.wavelength_id                    1 
_diffrn_radiation.pdbx_monochromatic_or_laue_m_l   M 
_diffrn_radiation.pdbx_wavelength_list             ? 
_diffrn_radiation.pdbx_wavelength                  ? 
_diffrn_radiation.pdbx_diffrn_protocol             'SINGLE WAVELENGTH' 
_diffrn_radiation.pdbx_analyzer                    ? 
_diffrn_radiation.pdbx_scattering_type             x-ray 
# 
_diffrn_radiation_wavelength.id           1 
_diffrn_radiation_wavelength.wavelength   0.9792 
_diffrn_radiation_wavelength.wt           1.0 
# 
_diffrn_source.current                     ? 
_diffrn_source.details                     ? 
_diffrn_source.diffrn_id                   1 
_diffrn_source.power                       ? 
_diffrn_source.size                        ? 
_diffrn_source.source                      SYNCHROTRON 
_diffrn_source.target                      ? 
_diffrn_source.type                        'APS BEAMLINE 24-ID-E' 
_diffrn_source.voltage                     ? 
_diffrn_source.take-off_angle              ? 
_diffrn_source.pdbx_wavelength_list        0.9792 
_diffrn_source.pdbx_wavelength             ? 
_diffrn_source.pdbx_synchrotron_beamline   24-ID-E 
_diffrn_source.pdbx_synchrotron_site       APS 
# 
_reflns.B_iso_Wilson_estimate            15.771 
_reflns.entry_id                         7LV2 
_reflns.data_reduction_details           ? 
_reflns.data_reduction_method            ? 
_reflns.d_resolution_high                1.300 
_reflns.d_resolution_low                 12.951 
_reflns.details                          ? 
_reflns.limit_h_max                      ? 
_reflns.limit_h_min                      ? 
_reflns.limit_k_max                      ? 
_reflns.limit_k_min                      ? 
_reflns.limit_l_max                      ? 
_reflns.limit_l_min                      ? 
_reflns.number_all                       ? 
_reflns.number_obs                       809 
_reflns.observed_criterion               ? 
_reflns.observed_criterion_F_max         ? 
_reflns.observed_criterion_F_min         ? 
_reflns.observed_criterion_I_max         ? 
_reflns.observed_criterion_I_min         ? 
_reflns.observed_criterion_sigma_F       ? 
_reflns.observed_criterion_sigma_I       ? 
_reflns.percent_possible_obs             93.200 
_reflns.R_free_details                   ? 
_reflns.Rmerge_F_all                     ? 
_reflns.Rmerge_F_obs                     ? 
_reflns.Friedel_coverage                 ? 
_reflns.number_gt                        ? 
_reflns.threshold_expression             ? 
_reflns.pdbx_redundancy                  2.266 
_reflns.pdbx_Rmerge_I_obs                0.126 
_reflns.pdbx_Rmerge_I_all                ? 
_reflns.pdbx_Rsym_value                  ? 
_reflns.pdbx_netI_over_av_sigmaI         ? 
_reflns.pdbx_netI_over_sigmaI            3.470 
_reflns.pdbx_res_netI_over_av_sigmaI_2   ? 
_reflns.pdbx_res_netI_over_sigmaI_2      ? 
_reflns.pdbx_chi_squared                 0.874 
_reflns.pdbx_scaling_rejects             ? 
_reflns.pdbx_d_res_high_opt              ? 
_reflns.pdbx_d_res_low_opt               ? 
_reflns.pdbx_d_res_opt_method            ? 
_reflns.phase_calculation_details        ? 
_reflns.pdbx_Rrim_I_all                  0.161 
_reflns.pdbx_Rpim_I_all                  ? 
_reflns.pdbx_d_opt                       ? 
_reflns.pdbx_number_measured_all         ? 
_reflns.pdbx_diffrn_id                   1 
_reflns.pdbx_ordinal                     1 
_reflns.pdbx_CC_half                     0.997 
_reflns.pdbx_CC_star                     ? 
_reflns.pdbx_R_split                     ? 
# 
loop_
_reflns_shell.d_res_high 
_reflns_shell.d_res_low 
_reflns_shell.meanI_over_sigI_all 
_reflns_shell.meanI_over_sigI_obs 
_reflns_shell.number_measured_all 
_reflns_shell.number_measured_obs 
_reflns_shell.number_possible 
_reflns_shell.number_unique_all 
_reflns_shell.number_unique_obs 
_reflns_shell.percent_possible_all 
_reflns_shell.percent_possible_obs 
_reflns_shell.Rmerge_F_all 
_reflns_shell.Rmerge_F_obs 
_reflns_shell.Rmerge_I_all 
_reflns_shell.Rmerge_I_obs 
_reflns_shell.meanI_over_sigI_gt 
_reflns_shell.meanI_over_uI_all 
_reflns_shell.meanI_over_uI_gt 
_reflns_shell.number_measured_gt 
_reflns_shell.number_unique_gt 
_reflns_shell.percent_possible_gt 
_reflns_shell.Rmerge_F_gt 
_reflns_shell.Rmerge_I_gt 
_reflns_shell.pdbx_redundancy 
_reflns_shell.pdbx_Rsym_value 
_reflns_shell.pdbx_chi_squared 
_reflns_shell.pdbx_netI_over_sigmaI_all 
_reflns_shell.pdbx_netI_over_sigmaI_obs 
_reflns_shell.pdbx_Rrim_I_all 
_reflns_shell.pdbx_Rpim_I_all 
_reflns_shell.pdbx_rejects 
_reflns_shell.pdbx_ordinal 
_reflns_shell.pdbx_diffrn_id 
_reflns_shell.pdbx_CC_half 
_reflns_shell.pdbx_CC_star 
_reflns_shell.pdbx_R_split 
1.300 1.390  ? 0.690 ? ? ? ? 139 95.900 ? ? ? ? 1.045 ? ? ? ? ? ? ? ? 2.432 ? ? ? ? 1.306 ? ? 1 1 0.567 ? ? 
1.390 1.500  ? 1.020 ? ? ? ? 139 97.900 ? ? ? ? 0.734 ? ? ? ? ? ? ? ? 2.295 ? ? ? ? 0.928 ? ? 2 1 0.636 ? ? 
1.500 1.640  ? 2.530 ? ? ? ? 127 94.800 ? ? ? ? 0.340 ? ? ? ? ? ? ? ? 2.299 ? ? ? ? 0.431 ? ? 3 1 0.912 ? ? 
1.640 1.840  ? 2.270 ? ? ? ? 99  96.100 ? ? ? ? 0.346 ? ? ? ? ? ? ? ? 2.303 ? ? ? ? 0.441 ? ? 4 1 0.911 ? ? 
1.840 2.120  ? 5.040 ? ? ? ? 103 89.600 ? ? ? ? 0.120 ? ? ? ? ? ? ? ? 2.282 ? ? ? ? 0.152 ? ? 5 1 0.987 ? ? 
2.120 2.600  ? 6.130 ? ? ? ? 91  97.800 ? ? ? ? 0.122 ? ? ? ? ? ? ? ? 2.176 ? ? ? ? 0.153 ? ? 6 1 0.982 ? ? 
2.600 3.680  ? 7.780 ? ? ? ? 66  85.700 ? ? ? ? 0.057 ? ? ? ? ? ? ? ? 2.015 ? ? ? ? 0.075 ? ? 7 1 0.995 ? ? 
3.680 12.951 ? 9.620 ? ? ? ? 45  76.300 ? ? ? ? 0.051 ? ? ? ? ? ? ? ? 2.000 ? ? ? ? 0.066 ? ? 8 1 0.998 ? ? 
# 
_refine.aniso_B[1][1]                            -1.126 
_refine.aniso_B[1][2]                            -0.000 
_refine.aniso_B[1][3]                            0.000 
_refine.aniso_B[2][2]                            1.716 
_refine.aniso_B[2][3]                            -0.000 
_refine.aniso_B[3][3]                            -0.590 
_refine.B_iso_max                                ? 
_refine.B_iso_mean                               10.668 
_refine.B_iso_min                                ? 
_refine.correlation_coeff_Fo_to_Fc               0.956 
_refine.correlation_coeff_Fo_to_Fc_free          0.980 
_refine.details                                  'Hydrogens have been added in their riding positions' 
_refine.diff_density_max                         ? 
_refine.diff_density_max_esd                     ? 
_refine.diff_density_min                         ? 
_refine.diff_density_min_esd                     ? 
_refine.diff_density_rms                         ? 
_refine.diff_density_rms_esd                     ? 
_refine.entry_id                                 7LV2 
_refine.pdbx_refine_id                           'X-RAY DIFFRACTION' 
_refine.ls_abs_structure_details                 ? 
_refine.ls_abs_structure_Flack                   ? 
_refine.ls_abs_structure_Flack_esd               ? 
_refine.ls_abs_structure_Rogers                  ? 
_refine.ls_abs_structure_Rogers_esd              ? 
_refine.ls_d_res_high                            1.301 
_refine.ls_d_res_low                             12.951 
_refine.ls_extinction_coef                       ? 
_refine.ls_extinction_coef_esd                   ? 
_refine.ls_extinction_expression                 ? 
_refine.ls_extinction_method                     ? 
_refine.ls_goodness_of_fit_all                   ? 
_refine.ls_goodness_of_fit_all_esd               ? 
_refine.ls_goodness_of_fit_obs                   ? 
_refine.ls_goodness_of_fit_obs_esd               ? 
_refine.ls_hydrogen_treatment                    ? 
_refine.ls_matrix_type                           ? 
_refine.ls_number_constraints                    ? 
_refine.ls_number_parameters                     ? 
_refine.ls_number_reflns_all                     ? 
_refine.ls_number_reflns_obs                     798 
_refine.ls_number_reflns_R_free                  79 
_refine.ls_number_reflns_R_work                  719 
_refine.ls_number_restraints                     ? 
_refine.ls_percent_reflns_obs                    94.438 
_refine.ls_percent_reflns_R_free                 9.900 
_refine.ls_R_factor_all                          0.248 
_refine.ls_R_factor_obs                          ? 
_refine.ls_R_factor_R_free                       0.2420 
_refine.ls_R_factor_R_free_error                 ? 
_refine.ls_R_factor_R_free_error_details         ? 
_refine.ls_R_factor_R_work                       0.2488 
_refine.ls_R_Fsqd_factor_obs                     ? 
_refine.ls_R_I_factor_obs                        ? 
_refine.ls_redundancy_reflns_all                 ? 
_refine.ls_redundancy_reflns_obs                 ? 
_refine.ls_restrained_S_all                      ? 
_refine.ls_restrained_S_obs                      ? 
_refine.ls_shift_over_esd_max                    ? 
_refine.ls_shift_over_esd_mean                   ? 
_refine.ls_structure_factor_coef                 ? 
_refine.ls_weighting_details                     ? 
_refine.ls_weighting_scheme                      ? 
_refine.ls_wR_factor_all                         ? 
_refine.ls_wR_factor_obs                         ? 
_refine.ls_wR_factor_R_free                      ? 
_refine.ls_wR_factor_R_work                      ? 
_refine.occupancy_max                            ? 
_refine.occupancy_min                            ? 
_refine.solvent_model_details                    'MASK BULK SOLVENT' 
_refine.solvent_model_param_bsol                 ? 
_refine.solvent_model_param_ksol                 ? 
_refine.pdbx_R_complete                          ? 
_refine.ls_R_factor_gt                           ? 
_refine.ls_goodness_of_fit_gt                    ? 
_refine.ls_goodness_of_fit_ref                   ? 
_refine.ls_shift_over_su_max                     ? 
_refine.ls_shift_over_su_max_lt                  ? 
_refine.ls_shift_over_su_mean                    ? 
_refine.ls_shift_over_su_mean_lt                 ? 
_refine.pdbx_ls_sigma_I                          ? 
_refine.pdbx_ls_sigma_F                          ? 
_refine.pdbx_ls_sigma_Fsqd                       ? 
_refine.pdbx_data_cutoff_high_absF               ? 
_refine.pdbx_data_cutoff_high_rms_absF           ? 
_refine.pdbx_data_cutoff_low_absF                ? 
_refine.pdbx_isotropic_thermal_model             ? 
_refine.pdbx_ls_cross_valid_method               THROUGHOUT 
_refine.pdbx_method_to_determine_struct          'MOLECULAR REPLACEMENT' 
_refine.pdbx_starting_model                      'ideal beta strand AAAAAA' 
_refine.pdbx_stereochemistry_target_values       ? 
_refine.pdbx_R_Free_selection_details            ? 
_refine.pdbx_stereochem_target_val_spec_case     ? 
_refine.pdbx_overall_ESU_R                       0.102 
_refine.pdbx_overall_ESU_R_Free                  0.085 
_refine.pdbx_solvent_vdw_probe_radii             1.200 
_refine.pdbx_solvent_ion_probe_radii             0.800 
_refine.pdbx_solvent_shrinkage_radii             0.800 
_refine.pdbx_real_space_R                        ? 
_refine.pdbx_density_correlation                 ? 
_refine.pdbx_pd_number_of_powder_patterns        ? 
_refine.pdbx_pd_number_of_points                 ? 
_refine.pdbx_pd_meas_number_of_points            ? 
_refine.pdbx_pd_proc_ls_prof_R_factor            ? 
_refine.pdbx_pd_proc_ls_prof_wR_factor           ? 
_refine.pdbx_pd_Marquardt_correlation_coeff      ? 
_refine.pdbx_pd_Fsqrd_R_factor                   ? 
_refine.pdbx_pd_ls_matrix_band_width             ? 
_refine.pdbx_overall_phase_error                 ? 
_refine.pdbx_overall_SU_R_free_Cruickshank_DPI   ? 
_refine.pdbx_overall_SU_R_free_Blow_DPI          ? 
_refine.pdbx_overall_SU_R_Blow_DPI               ? 
_refine.pdbx_TLS_residual_ADP_flag               ? 
_refine.pdbx_diffrn_id                           1 
_refine.overall_SU_B                             ? 
_refine.overall_SU_ML                            ? 
_refine.overall_SU_R_Cruickshank_DPI             ? 
_refine.overall_SU_R_free                        ? 
_refine.overall_FOM_free_R_set                   ? 
_refine.overall_FOM_work_R_set                   ? 
_refine.pdbx_average_fsc_overall                 ? 
_refine.pdbx_average_fsc_work                    ? 
_refine.pdbx_average_fsc_free                    ? 
# 
_refine_hist.pdbx_refine_id                   'X-RAY DIFFRACTION' 
_refine_hist.cycle_id                         LAST 
_refine_hist.details                          ? 
_refine_hist.d_res_high                       1.301 
_refine_hist.d_res_low                        12.951 
_refine_hist.number_atoms_solvent             3 
_refine_hist.number_atoms_total               40 
_refine_hist.number_reflns_all                ? 
_refine_hist.number_reflns_obs                ? 
_refine_hist.number_reflns_R_free             ? 
_refine_hist.number_reflns_R_work             ? 
_refine_hist.R_factor_all                     ? 
_refine_hist.R_factor_obs                     ? 
_refine_hist.R_factor_R_free                  ? 
_refine_hist.R_factor_R_work                  ? 
_refine_hist.pdbx_number_residues_total       ? 
_refine_hist.pdbx_B_iso_mean_ligand           ? 
_refine_hist.pdbx_B_iso_mean_solvent          ? 
_refine_hist.pdbx_number_atoms_protein        37 
_refine_hist.pdbx_number_atoms_nucleic_acid   0 
_refine_hist.pdbx_number_atoms_ligand         0 
_refine_hist.pdbx_number_atoms_lipid          ? 
_refine_hist.pdbx_number_atoms_carb           ? 
_refine_hist.pdbx_pseudo_atom_details         ? 
# 
loop_
_refine_ls_restr.pdbx_refine_id 
_refine_ls_restr.criterion 
_refine_ls_restr.dev_ideal 
_refine_ls_restr.dev_ideal_target 
_refine_ls_restr.number 
_refine_ls_restr.rejects 
_refine_ls_restr.type 
_refine_ls_restr.weight 
_refine_ls_restr.pdbx_restraint_function 
'X-RAY DIFFRACTION' ? 0.017  0.014  45 ? r_bond_refined_d               ? ? 
'X-RAY DIFFRACTION' ? 0.035  0.019  39 ? r_bond_other_d                 ? ? 
'X-RAY DIFFRACTION' ? 1.751  1.630  62 ? r_angle_refined_deg            ? ? 
'X-RAY DIFFRACTION' ? 6.804  1.726  96 ? r_angle_other_deg              ? ? 
'X-RAY DIFFRACTION' ? 4.301  5.000  9  ? r_dihedral_angle_1_deg         ? ? 
'X-RAY DIFFRACTION' ? 41.435 30.000 1  ? r_dihedral_angle_2_deg         ? ? 
'X-RAY DIFFRACTION' ? 11.137 15.000 7  ? r_dihedral_angle_3_deg         ? ? 
'X-RAY DIFFRACTION' ? 0.129  0.200  7  ? r_chiral_restr                 ? ? 
'X-RAY DIFFRACTION' ? 0.009  0.020  63 ? r_gen_planes_refined           ? ? 
'X-RAY DIFFRACTION' ? 0.004  0.020  9  ? r_gen_planes_other             ? ? 
'X-RAY DIFFRACTION' ? 0.058  0.200  1  ? r_nbd_refined                  ? ? 
'X-RAY DIFFRACTION' ? 0.220  0.200  18 ? r_symmetry_nbd_other           ? ? 
'X-RAY DIFFRACTION' ? 0.133  0.200  21 ? r_nbtor_refined                ? ? 
'X-RAY DIFFRACTION' ? 0.176  0.200  32 ? r_symmetry_nbtor_other         ? ? 
'X-RAY DIFFRACTION' ? 0.037  0.200  2  ? r_xyhbond_nbd_refined          ? ? 
'X-RAY DIFFRACTION' ? 0.111  0.200  7  ? r_symmetry_nbd_refined         ? ? 
'X-RAY DIFFRACTION' ? 0.236  0.200  14 ? r_nbd_other                    ? ? 
'X-RAY DIFFRACTION' ? 0.201  0.200  5  ? r_symmetry_xyhbond_nbd_refined ? ? 
'X-RAY DIFFRACTION' ? 1.662  1.063  28 ? r_mcbond_it                    ? ? 
'X-RAY DIFFRACTION' ? 1.411  1.020  27 ? r_mcbond_other                 ? ? 
'X-RAY DIFFRACTION' ? 2.388  1.510  33 ? r_mcangle_it                   ? ? 
'X-RAY DIFFRACTION' ? 2.480  1.547  34 ? r_mcangle_other                ? ? 
'X-RAY DIFFRACTION' ? 2.371  1.239  17 ? r_scbond_it                    ? ? 
'X-RAY DIFFRACTION' ? 1.676  1.164  16 ? r_scbond_other                 ? ? 
'X-RAY DIFFRACTION' ? 3.762  1.831  26 ? r_scangle_it                   ? ? 
'X-RAY DIFFRACTION' ? 3.361  1.812  26 ? r_scangle_other                ? ? 
'X-RAY DIFFRACTION' ? 3.378  11.779 39 ? r_lrange_it                    ? ? 
'X-RAY DIFFRACTION' ? 3.631  10.969 38 ? r_lrange_other                 ? ? 
# 
loop_
_refine_ls_shell.pdbx_refine_id 
_refine_ls_shell.d_res_high 
_refine_ls_shell.d_res_low 
_refine_ls_shell.number_reflns_all 
_refine_ls_shell.number_reflns_obs 
_refine_ls_shell.number_reflns_R_free 
_refine_ls_shell.number_reflns_R_work 
_refine_ls_shell.percent_reflns_obs 
_refine_ls_shell.percent_reflns_R_free 
_refine_ls_shell.R_factor_all 
_refine_ls_shell.R_factor_obs 
_refine_ls_shell.R_factor_R_free 
_refine_ls_shell.R_factor_R_free_error 
_refine_ls_shell.R_factor_R_work 
_refine_ls_shell.redundancy_reflns_all 
_refine_ls_shell.redundancy_reflns_obs 
_refine_ls_shell.wR_factor_all 
_refine_ls_shell.wR_factor_obs 
_refine_ls_shell.wR_factor_R_free 
_refine_ls_shell.wR_factor_R_work 
_refine_ls_shell.pdbx_R_complete 
_refine_ls_shell.pdbx_total_number_of_bins_used 
_refine_ls_shell.pdbx_phase_error 
_refine_ls_shell.pdbx_fsc_work 
_refine_ls_shell.pdbx_fsc_free 
'X-RAY DIFFRACTION' 1.301 1.334  56 . 5 50 98.2143  . 0.460 . 0.728 . 0.441 . . . . . 0.429 . 20 . 0.680 0.527 
'X-RAY DIFFRACTION' 1.334 1.371  58 . 6 51 98.2759  . 0.442 . 0.477 . 0.438 . . . . . 0.441 . 20 . 0.599 0.287 
'X-RAY DIFFRACTION' 1.371 1.410  55 . 5 44 89.0909  . 0.385 . 0.203 . 0.402 . . . . . 0.398 . 20 . 0.689 0.486 
'X-RAY DIFFRACTION' 1.410 1.453  55 . 5 49 98.1818  . 0.446 . 0.474 . 0.443 . . . . . 0.455 . 20 . 0.651 0.438 
'X-RAY DIFFRACTION' 1.453 1.500  58 . 6 52 100.0000 . 0.386 . 0.554 . 0.373 . . . . . 0.355 . 20 . 0.737 0.236 
'X-RAY DIFFRACTION' 1.500 1.552  59 . 6 53 100.0000 . 0.299 . 0.277 . 0.301 . . . . . 0.287 . 20 . 0.815 0.636 
'X-RAY DIFFRACTION' 1.552 1.609  50 . 5 39 88.0000  . 0.296 . 0.237 . 0.302 . . . . . 0.293 . 20 . 0.915 0.789 
'X-RAY DIFFRACTION' 1.609 1.674  42 . 4 37 97.6190  . 0.231 . 0.210 . 0.232 . . . . . 0.213 . 20 . 0.918 0.419 
'X-RAY DIFFRACTION' 1.674 1.747  41 . 4 35 95.1219  . 0.330 . 0.494 . 0.300 . . . . . 0.266 . 20 . 0.889 0.736 
'X-RAY DIFFRACTION' 1.747 1.831  43 . 4 38 97.6744  . 0.391 . 0.324 . 0.401 . . . . . 0.367 . 20 . 0.831 0.916 
'X-RAY DIFFRACTION' 1.831 1.927  41 . 2 30 78.0488  . 0.258 . 0.155 . 0.275 . . . . . 0.249 . 20 . 0.925 0.900 
'X-RAY DIFFRACTION' 1.927 2.042  42 . 4 37 97.6190  . 0.218 . 0.483 . 0.202 . . . . . 0.188 . 20 . 0.957 0.842 
'X-RAY DIFFRACTION' 2.042 2.179  40 . 4 36 100.0000 . 0.209 . 0.082 . 0.218 . . . . . 0.196 . 20 . 0.957 0.962 
'X-RAY DIFFRACTION' 2.179 2.348  47 . 5 42 100.0000 . 0.234 . 0.313 . 0.225 . . . . . 0.209 . 20 . 0.919 0.863 
'X-RAY DIFFRACTION' 2.348 2.563  31 . 2 27 93.5484  . 0.175 . 0.300 . 0.171 . . . . . 0.160 . 20 . 0.967 0.774 
'X-RAY DIFFRACTION' 2.563 2.852  30 . 3 25 93.3333  . 0.207 . 0.417 . 0.192 . . . . . 0.191 . 20 . 0.982 0.965 
'X-RAY DIFFRACTION' 2.852 3.267  26 . 3 20 88.4615  . 0.125 . 0.534 . 0.111 . . . . . 0.132 . 20 . 0.990 0.611 
'X-RAY DIFFRACTION' 3.267 3.939  30 . 2 23 83.3333  . 0.143 . 0.073 . 0.165 . . . . . 0.163 . 20 . 0.980 0.993 
'X-RAY DIFFRACTION' 3.939 5.329  26 . 3 21 92.3077  . 0.153 . 0.085 . 0.171 . . . . . 0.181 . 20 . 0.981 0.997 
'X-RAY DIFFRACTION' 5.329 12.951 13 . 1 9  76.9231  . 0.358 . 0.470 . 0.355 . . . . . 0.290 . 20 . 0.961 .     
# 
_struct.entry_id                     7LV2 
_struct.title                        'GSQASS segment from the Nucleoprotein of SARS-CoV-2, residues 179-184' 
_struct.pdbx_model_details           'Amyloid Fibril' 
_struct.pdbx_formula_weight          ? 
_struct.pdbx_formula_weight_method   ? 
_struct.pdbx_model_type_details      ? 
_struct.pdbx_CASP_flag               N 
# 
_struct_keywords.entry_id        7LV2 
_struct_keywords.text            'amyloid fibril, PROTEIN FIBRIL' 
_struct_keywords.pdbx_keywords   'PROTEIN FIBRIL' 
# 
loop_
_struct_asym.id 
_struct_asym.pdbx_blank_PDB_chainid_flag 
_struct_asym.pdbx_modified 
_struct_asym.entity_id 
_struct_asym.details 
A N N 1 ? 
B N N 2 ? 
# 
_struct_ref.id                         1 
_struct_ref.db_name                    UNP 
_struct_ref.db_code                    NCAP_SARS2 
_struct_ref.pdbx_db_accession          P0DTC9 
_struct_ref.pdbx_db_isoform            ? 
_struct_ref.entity_id                  1 
_struct_ref.pdbx_seq_one_letter_code   GSQASS 
_struct_ref.pdbx_align_begin           179 
# 
_struct_ref_seq.align_id                      1 
_struct_ref_seq.ref_id                        1 
_struct_ref_seq.pdbx_PDB_id_code              7LV2 
_struct_ref_seq.pdbx_strand_id                A 
_struct_ref_seq.seq_align_beg                 1 
_struct_ref_seq.pdbx_seq_align_beg_ins_code   ? 
_struct_ref_seq.seq_align_end                 6 
_struct_ref_seq.pdbx_seq_align_end_ins_code   ? 
_struct_ref_seq.pdbx_db_accession             P0DTC9 
_struct_ref_seq.db_align_beg                  179 
_struct_ref_seq.pdbx_db_align_beg_ins_code    ? 
_struct_ref_seq.db_align_end                  184 
_struct_ref_seq.pdbx_db_align_end_ins_code    ? 
_struct_ref_seq.pdbx_auth_seq_align_beg       179 
_struct_ref_seq.pdbx_auth_seq_align_end       184 
# 
_pdbx_struct_assembly.id                   1 
_pdbx_struct_assembly.details              author_defined_assembly 
_pdbx_struct_assembly.method_details       ? 
_pdbx_struct_assembly.oligomeric_details   hexadecameric 
_pdbx_struct_assembly.oligomeric_count     16 
# 
loop_
_pdbx_struct_assembly_gen.assembly_id 
_pdbx_struct_assembly_gen.oper_expression 
_pdbx_struct_assembly_gen.asym_id_list 
1 1  A,B 
1 2  A,B 
1 3  A,B 
1 4  A,B 
1 5  A,B 
1 6  A,B 
1 7  A,B 
1 8  A,B 
1 9  A,B 
1 10 A,B 
1 11 A,B 
1 12 A,B 
1 13 A,B 
1 14 A,B 
1 15 A,B 
1 16 A,B 
# 
_pdbx_struct_assembly_auth_evidence.id                     1 
_pdbx_struct_assembly_auth_evidence.assembly_id            1 
_pdbx_struct_assembly_auth_evidence.experimental_support   none 
_pdbx_struct_assembly_auth_evidence.details                'The biological unit is a fibril with indefinite length' 
# 
loop_
_pdbx_struct_oper_list.id 
_pdbx_struct_oper_list.type 
_pdbx_struct_oper_list.name 
_pdbx_struct_oper_list.symmetry_operation 
_pdbx_struct_oper_list.matrix[1][1] 
_pdbx_struct_oper_list.matrix[1][2] 
_pdbx_struct_oper_list.matrix[1][3] 
_pdbx_struct_oper_list.vector[1] 
_pdbx_struct_oper_list.matrix[2][1] 
_pdbx_struct_oper_list.matrix[2][2] 
_pdbx_struct_oper_list.matrix[2][3] 
_pdbx_struct_oper_list.vector[2] 
_pdbx_struct_oper_list.matrix[3][1] 
_pdbx_struct_oper_list.matrix[3][2] 
_pdbx_struct_oper_list.matrix[3][3] 
_pdbx_struct_oper_list.vector[3] 
1  'identity operation'         1_555 x,y,z             1.0000000000  0.0000000000  0.0000000000 0.0000000000  0.0000000000  1.0000000000 0.0000000000  0.0000000000   0.0000000000 0.0000000000  1.0000000000  0.0000000000  
2  'crystal symmetry operation' 1_455 x-1,y,z           1.0000000000  0.0000000000  0.0000000000 -1.0017265277 0.0000000000  1.0000000000 0.0000000000  4.4908878617   0.0000000000 0.0000000000  1.0000000000  -1.2575254181 
3  'crystal symmetry operation' 1_655 x+1,y,z           1.0000000000  0.0000000000  0.0000000000 1.0017265277  0.0000000000  1.0000000000 0.0000000000  -4.4908878617  0.0000000000 0.0000000000  1.0000000000  1.2575254181  
4  'crystal symmetry operation' 1_355 x-2,y,z           1.0000000000  0.0000000000  0.0000000000 -2.0034530555 0.0000000000  1.0000000000 0.0000000000  8.9817757234   0.0000000000 0.0000000000  1.0000000000  -2.5150508362 
5  'crystal symmetry operation' 1_755 x+2,y,z           1.0000000000  0.0000000000  0.0000000000 2.0034530555  0.0000000000  1.0000000000 0.0000000000  -8.9817757234  0.0000000000 0.0000000000  1.0000000000  2.5150508362  
6  'crystal symmetry operation' 1_255 x-3,y,z           1.0000000000  0.0000000000  0.0000000000 -3.0051795832 0.0000000000  1.0000000000 0.0000000000  13.4726635851  0.0000000000 0.0000000000  1.0000000000  -3.7725762543 
7  'crystal symmetry operation' 1_855 x+3,y,z           1.0000000000  0.0000000000  0.0000000000 3.0051795832  0.0000000000  1.0000000000 0.0000000000  -13.4726635851 0.0000000000 0.0000000000  1.0000000000  3.7725762543  
8  'crystal symmetry operation' 1_155 x-4,y,z           1.0000000000  0.0000000000  0.0000000000 -4.0069061110 0.0000000000  1.0000000000 0.0000000000  17.9635514468  0.0000000000 0.0000000000  1.0000000000  -5.0301016724 
9  'crystal symmetry operation' 4_556 x+1/2,-y+1/2,-z+1 -0.9117953284 -0.3954345604 0.1107284408 6.0760818973  -0.3954345604 0.7727914935 -0.4964119419 -1.8438690262  0.1107284408 -0.4964119419 -0.8609961651 -2.3782671956 
10 'crystal symmetry operation' 4_456 x-1/2,-y+1/2,-z+1 -0.9117953284 -0.3954345604 0.1107284408 5.0743553696  -0.3954345604 0.7727914935 -0.4964119419 2.6470188355   0.1107284408 -0.4964119419 -0.8609961651 -3.6357926137 
11 'crystal symmetry operation' 4_656 x+3/2,-y+1/2,-z+1 -0.9117953284 -0.3954345604 0.1107284408 7.0778084251  -0.3954345604 0.7727914935 -0.4964119419 -6.3347568879  0.1107284408 -0.4964119419 -0.8609961651 -1.1207417775 
12 'crystal symmetry operation' 4_356 x-3/2,-y+1/2,-z+1 -0.9117953284 -0.3954345604 0.1107284408 4.0726288418  -0.3954345604 0.7727914935 -0.4964119419 7.1379066972   0.1107284408 -0.4964119419 -0.8609961651 -4.8933180318 
13 'crystal symmetry operation' 4_756 x+5/2,-y+1/2,-z+1 -0.9117953284 -0.3954345604 0.1107284408 8.0795349528  -0.3954345604 0.7727914935 -0.4964119419 -10.8256447496 0.1107284408 -0.4964119419 -0.8609961651 0.1367836406  
14 'crystal symmetry operation' 4_256 x-5/2,-y+1/2,-z+1 -0.9117953284 -0.3954345604 0.1107284408 3.0709023141  -0.3954345604 0.7727914935 -0.4964119419 11.6287945590  0.1107284408 -0.4964119419 -0.8609961651 -6.1508434499 
15 'crystal symmetry operation' 4_156 x-7/2,-y+1/2,-z+1 -0.9117953284 -0.3954345604 0.1107284408 2.0691757863  -0.3954345604 0.7727914935 -0.4964119419 16.1196824207  0.1107284408 -0.4964119419 -0.8609961651 -7.4083688680 
16 'crystal symmetry operation' 4_856 x+7/2,-y+1/2,-z+1 -0.9117953284 -0.3954345604 0.1107284408 9.0812614806  -0.3954345604 0.7727914935 -0.4964119419 -15.3165326113 0.1107284408 -0.4964119419 -0.8609961651 1.3943090587 
# 
_phasing.method   MR 
# 
loop_
_chem_comp_atom.comp_id 
_chem_comp_atom.atom_id 
_chem_comp_atom.type_symbol 
_chem_comp_atom.pdbx_aromatic_flag 
_chem_comp_atom.pdbx_stereo_config 
_chem_comp_atom.pdbx_ordinal 
ALA N    N N N 1  
ALA CA   C N S 2  
ALA C    C N N 3  
ALA O    O N N 4  
ALA CB   C N N 5  
ALA OXT  O N N 6  
ALA H    H N N 7  
ALA H2   H N N 8  
ALA HA   H N N 9  
ALA HB1  H N N 10 
ALA HB2  H N N 11 
ALA HB3  H N N 12 
ALA HXT  H N N 13 
GLN N    N N N 14 
GLN CA   C N S 15 
GLN C    C N N 16 
GLN O    O N N 17 
GLN CB   C N N 18 
GLN CG   C N N 19 
GLN CD   C N N 20 
GLN OE1  O N N 21 
GLN NE2  N N N 22 
GLN OXT  O N N 23 
GLN H    H N N 24 
GLN H2   H N N 25 
GLN HA   H N N 26 
GLN HB2  H N N 27 
GLN HB3  H N N 28 
GLN HG2  H N N 29 
GLN HG3  H N N 30 
GLN HE21 H N N 31 
GLN HE22 H N N 32 
GLN HXT  H N N 33 
GLY N    N N N 34 
GLY CA   C N N 35 
GLY C    C N N 36 
GLY O    O N N 37 
GLY OXT  O N N 38 
GLY H    H N N 39 
GLY H2   H N N 40 
GLY HA2  H N N 41 
GLY HA3  H N N 42 
GLY HXT  H N N 43 
HOH O    O N N 44 
HOH H1   H N N 45 
HOH H2   H N N 46 
SER N    N N N 47 
SER CA   C N S 48 
SER C    C N N 49 
SER O    O N N 50 
SER CB   C N N 51 
SER OG   O N N 52 
SER OXT  O N N 53 
SER H    H N N 54 
SER H2   H N N 55 
SER HA   H N N 56 
SER HB2  H N N 57 
SER HB3  H N N 58 
SER HG   H N N 59 
SER HXT  H N N 60 
# 
loop_
_chem_comp_bond.comp_id 
_chem_comp_bond.atom_id_1 
_chem_comp_bond.atom_id_2 
_chem_comp_bond.value_order 
_chem_comp_bond.pdbx_aromatic_flag 
_chem_comp_bond.pdbx_stereo_config 
_chem_comp_bond.pdbx_ordinal 
ALA N   CA   sing N N 1  
ALA N   H    sing N N 2  
ALA N   H2   sing N N 3  
ALA CA  C    sing N N 4  
ALA CA  CB   sing N N 5  
ALA CA  HA   sing N N 6  
ALA C   O    doub N N 7  
ALA C   OXT  sing N N 8  
ALA CB  HB1  sing N N 9  
ALA CB  HB2  sing N N 10 
ALA CB  HB3  sing N N 11 
ALA OXT HXT  sing N N 12 
GLN N   CA   sing N N 13 
GLN N   H    sing N N 14 
GLN N   H2   sing N N 15 
GLN CA  C    sing N N 16 
GLN CA  CB   sing N N 17 
GLN CA  HA   sing N N 18 
GLN C   O    doub N N 19 
GLN C   OXT  sing N N 20 
GLN CB  CG   sing N N 21 
GLN CB  HB2  sing N N 22 
GLN CB  HB3  sing N N 23 
GLN CG  CD   sing N N 24 
GLN CG  HG2  sing N N 25 
GLN CG  HG3  sing N N 26 
GLN CD  OE1  doub N N 27 
GLN CD  NE2  sing N N 28 
GLN NE2 HE21 sing N N 29 
GLN NE2 HE22 sing N N 30 
GLN OXT HXT  sing N N 31 
GLY N   CA   sing N N 32 
GLY N   H    sing N N 33 
GLY N   H2   sing N N 34 
GLY CA  C    sing N N 35 
GLY CA  HA2  sing N N 36 
GLY CA  HA3  sing N N 37 
GLY C   O    doub N N 38 
GLY C   OXT  sing N N 39 
GLY OXT HXT  sing N N 40 
HOH O   H1   sing N N 41 
HOH O   H2   sing N N 42 
SER N   CA   sing N N 43 
SER N   H    sing N N 44 
SER N   H2   sing N N 45 
SER CA  C    sing N N 46 
SER CA  CB   sing N N 47 
SER CA  HA   sing N N 48 
SER C   O    doub N N 49 
SER C   OXT  sing N N 50 
SER CB  OG   sing N N 51 
SER CB  HB2  sing N N 52 
SER CB  HB3  sing N N 53 
SER OG  HG   sing N N 54 
SER OXT HXT  sing N N 55 
# 
loop_
_pdbx_audit_support.funding_organization 
_pdbx_audit_support.country 
_pdbx_audit_support.grant_number 
_pdbx_audit_support.ordinal 
'Department of Energy (DOE, United States)'                           'United States' DE-FC02-02ER63421 1 
'National Science Foundation (NSF, United States)'                    'United States' 'MCB 1616265'     2 
'National Institutes of Health/National Institute on Aging (NIH/NIA)' 'United States' 'R01 AG048120'    3 
# 
_pdbx_initial_refinement_model.accession_code   ? 
_pdbx_initial_refinement_model.id               1 
_pdbx_initial_refinement_model.entity_id_list   ? 
_pdbx_initial_refinement_model.type             'in silico model' 
_pdbx_initial_refinement_model.source_name      Other 
_pdbx_initial_refinement_model.details          'ideal beta strand AAAAAA' 
# 
_atom_sites.entry_id                    7LV2 
_atom_sites.Cartn_transf_matrix[1][1]   ? 
_atom_sites.Cartn_transf_matrix[1][2]   ? 
_atom_sites.Cartn_transf_matrix[1][3]   ? 
_atom_sites.Cartn_transf_matrix[2][1]   ? 
_atom_sites.Cartn_transf_matrix[2][2]   ? 
_atom_sites.Cartn_transf_matrix[2][3]   ? 
_atom_sites.Cartn_transf_matrix[3][1]   ? 
_atom_sites.Cartn_transf_matrix[3][2]   ? 
_atom_sites.Cartn_transf_matrix[3][3]   ? 
_atom_sites.Cartn_transf_vector[1]      ? 
_atom_sites.Cartn_transf_vector[2]      ? 
_atom_sites.Cartn_transf_vector[3]      ? 
_atom_sites.fract_transf_matrix[1][1]   0.04402641 
_atom_sites.fract_transf_matrix[1][2]   -0.19737688 
_atom_sites.fract_transf_matrix[1][3]   0.05526890 
_atom_sites.fract_transf_matrix[2][1]   0.03890176 
_atom_sites.fract_transf_matrix[2][2]   -0.00862661 
_atom_sites.fract_transf_matrix[2][3]   -0.06179602 
_atom_sites.fract_transf_matrix[3][1]   0.01937311 
_atom_sites.fract_transf_matrix[3][2]   0.00744530 
_atom_sites.fract_transf_matrix[3][3]   0.01115639 
_atom_sites.fract_transf_vector[1]      0.507234 
_atom_sites.fract_transf_vector[2]      0.050377 
_atom_sites.fract_transf_vector[3]      0.461281 
_atom_sites.solution_primary            ? 
_atom_sites.solution_secondary          ? 
_atom_sites.solution_hydrogens          ? 
_atom_sites.special_details             ? 
# 
loop_
_atom_type.symbol 
_atom_type.scat_Cromer_Mann_a1 
_atom_type.scat_Cromer_Mann_b1 
_atom_type.scat_Cromer_Mann_a2 
_atom_type.scat_Cromer_Mann_b2 
_atom_type.scat_Cromer_Mann_a3 
_atom_type.scat_Cromer_Mann_b3 
_atom_type.scat_Cromer_Mann_a4 
_atom_type.scat_Cromer_Mann_b4 
C 2.310  20.844 1.020 10.208 1.589 0.569  0.865 51.651 
H 0.493  10.511 0.323 26.126 0.140 3.142  0.041 57.800 
N 12.222 0.006  3.135 9.893  2.014 28.997 1.167 0.583  
O 3.049  13.277 2.287 5.701  1.546 0.324  0.867 32.909 
# 
loop_
_atom_site.group_PDB 
_atom_site.id 
_atom_site.type_symbol 
_atom_site.label_atom_id 
_atom_site.label_alt_id 
_atom_site.label_comp_id 
_atom_site.label_asym_id 
_atom_site.label_entity_id 
_atom_site.label_seq_id 
_atom_site.pdbx_PDB_ins_code 
_atom_site.Cartn_x 
_atom_site.Cartn_y 
_atom_site.Cartn_z 
_atom_site.occupancy 
_atom_site.B_iso_or_equiv 
_atom_site.pdbx_formal_charge 
_atom_site.auth_seq_id 
_atom_site.auth_comp_id 
_atom_site.auth_asym_id 
_atom_site.auth_atom_id 
_atom_site.pdbx_PDB_model_num 
_atom_site.calc_flag 
ATOM   1  N N   A GLY A 1 1 ? 8.355  4.222  5.795  0.500 12.120 0 179 GLY A N   1 ? 
ATOM   2  N N   B GLY A 1 1 ? 7.261  4.179  6.563  0.500 12.120 0 179 GLY A N   1 ? 
ATOM   3  C CA  . GLY A 1 1 ? 7.484  3.046  5.608  1.000 13.250 0 179 GLY A CA  1 ? 
ATOM   4  C C   . GLY A 1 1 ? 6.580  3.231  4.407  1.000 11.990 0 179 GLY A C   1 ? 
ATOM   5  O O   . GLY A 1 1 ? 6.273  4.384  4.070  1.000 11.200 0 179 GLY A O   1 ? 
ATOM   6  N N   . SER A 1 2 ? 6.243  2.134  3.738  1.000 10.220 0 180 SER A N   1 ? 
ATOM   7  C CA  . SER A 1 2 ? 5.467  2.170  2.481  1.000 9.000  0 180 SER A CA  1 ? 
ATOM   8  C C   . SER A 1 2 ? 4.216  1.302  2.671  1.000 9.410  0 180 SER A C   1 ? 
ATOM   9  O O   . SER A 1 2 ? 4.347  0.164  3.102  1.000 9.570  0 180 SER A O   1 ? 
ATOM   10 C CB  . SER A 1 2 ? 6.339  1.780  1.328  1.000 9.600  0 180 SER A CB  1 ? 
ATOM   11 O OG  . SER A 1 2 ? 7.370  2.752  1.116  1.000 13.580 0 180 SER A OG  1 ? 
ATOM   12 N N   . GLN A 1 3 ? 3.056  1.833  2.320  1.000 9.310  0 181 GLN A N   1 ? 
ATOM   13 C CA  . GLN A 1 3 ? 1.810  1.062  2.274  1.000 8.630  0 181 GLN A CA  1 ? 
ATOM   14 C C   . GLN A 1 3 ? 1.217  1.149  0.859  1.000 7.250  0 181 GLN A C   1 ? 
ATOM   15 O O   . GLN A 1 3 ? 1.050  2.241  0.379  1.000 7.560  0 181 GLN A O   1 ? 
ATOM   16 C CB  . GLN A 1 3 ? 0.844  1.592  3.322  1.000 11.110 0 181 GLN A CB  1 ? 
ATOM   17 C CG  . GLN A 1 3 ? 1.382  1.413  4.727  1.000 12.400 0 181 GLN A CG  1 ? 
ATOM   18 C CD  . GLN A 1 3 ? 0.579  2.130  5.776  1.000 12.120 0 181 GLN A CD  1 ? 
ATOM   19 O OE1 . GLN A 1 3 ? 0.202  3.277  5.592  1.000 14.300 0 181 GLN A OE1 1 ? 
ATOM   20 N NE2 . GLN A 1 3 ? 0.370  1.480  6.895  1.000 11.030 0 181 GLN A NE2 1 ? 
ATOM   21 N N   . ALA A 1 4 ? 0.852  0.023  0.274  1.000 7.440  0 182 ALA A N   1 ? 
ATOM   22 C CA  . ALA A 1 4 ? 0.293  -0.037 -1.091 1.000 6.260  0 182 ALA A CA  1 ? 
ATOM   23 C C   . ALA A 1 4 ? -0.903 -0.994 -1.064 1.000 8.240  0 182 ALA A C   1 ? 
ATOM   24 O O   . ALA A 1 4 ? -0.746 -2.092 -0.553 1.000 7.960  0 182 ALA A O   1 ? 
ATOM   25 C CB  . ALA A 1 4 ? 1.329  -0.436 -2.086 1.000 6.970  0 182 ALA A CB  1 ? 
ATOM   26 N N   . SER A 1 5 ? -2.074 -0.501 -1.481 1.000 10.120 0 183 SER A N   1 ? 
ATOM   27 C CA  A SER A 1 5 ? -3.377 -1.221 -1.479 0.400 9.710  0 183 SER A CA  1 ? 
ATOM   28 C CA  B SER A 1 5 ? -3.312 -1.314 -1.523 0.350 9.720  0 183 SER A CA  1 ? 
ATOM   29 C CA  C SER A 1 5 ? -3.291 -1.409 -1.497 0.250 9.720  0 183 SER A CA  1 ? 
ATOM   30 C C   . SER A 1 5 ? -3.972 -1.159 -2.888 1.000 11.640 0 183 SER A C   1 ? 
ATOM   31 O O   . SER A 1 5 ? -3.983 -0.077 -3.395 1.000 10.770 0 183 SER A O   1 ? 
ATOM   32 C CB  A SER A 1 5 ? -4.338 -0.578 -0.525 0.400 10.820 0 183 SER A CB  1 ? 
ATOM   33 C CB  B SER A 1 5 ? -4.276 -0.974 -0.448 0.350 10.930 0 183 SER A CB  1 ? 
ATOM   34 C CB  C SER A 1 5 ? -4.255 -1.068 -0.422 0.250 10.930 0 183 SER A CB  1 ? 
ATOM   35 O OG  A SER A 1 5 ? -4.609 0.762  -0.920 0.400 10.850 0 183 SER A OG  1 ? 
ATOM   36 O OG  B SER A 1 5 ? -5.279 -1.973 -0.391 0.350 10.720 0 183 SER A OG  1 ? 
ATOM   37 O OG  C SER A 1 5 ? -3.540 -0.721 0.751  0.250 10.720 0 183 SER A OG  1 ? 
ATOM   38 N N   . SER A 1 6 ? -4.486 -2.261 -3.415 1.000 11.650 0 184 SER A N   1 ? 
ATOM   39 C CA  . SER A 1 6 ? -5.074 -2.297 -4.774 1.000 16.170 0 184 SER A CA  1 ? 
ATOM   40 C C   . SER A 1 6 ? -6.212 -3.321 -4.804 1.000 20.750 0 184 SER A C   1 ? 
ATOM   41 O O   . SER A 1 6 ? -6.404 -4.036 -3.846 1.000 19.150 0 184 SER A O   1 ? 
ATOM   42 C CB  . SER A 1 6 ? -4.020 -2.550 -5.823 1.000 19.360 0 184 SER A CB  1 ? 
ATOM   43 O OG  . SER A 1 6 ? -3.528 -3.888 -5.766 1.000 20.230 0 184 SER A OG  1 ? 
ATOM   44 O OXT . SER A 1 6 ? -6.936 -3.437 -5.789 1.000 27.810 0 184 SER A OXT 1 ? 
HETATM 45 O O   . HOH B 2 . ? -6.485 -4.306 -0.565 1.000 39.430 0 201 HOH A O   1 ? 
HETATM 46 O O   . HOH B 2 . ? -6.437 1.313  1.087  1.000 22.520 0 202 HOH A O   1 ? 
HETATM 47 O O   . HOH B 2 . ? -5.349 -0.490 2.852  1.000 17.360 0 203 HOH A O   1 ? 
# 
